data_4RTK
#
_entry.id   4RTK
#
_cell.length_a   36.331
_cell.length_b   63.044
_cell.length_c   142.185
_cell.angle_alpha   90.00
_cell.angle_beta   90.00
_cell.angle_gamma   90.00
#
_symmetry.space_group_name_H-M   'P 21 21 21'
#
loop_
_entity.id
_entity.type
_entity.pdbx_description
1 polymer 'DNA adenine methylase'
2 polymer "DNA (5'-D(*TP*CP*TP*AP*AP*AP*GP*AP*TP*CP*G)-3')"
3 polymer "DNA (5'-D(*AP*CP*GP*AP*TP*CP*TP*TP*TP*AP*G)-3')"
4 non-polymer S-ADENOSYL-L-HOMOCYSTEINE
5 non-polymer GLYCEROL
6 water water
#
loop_
_entity_poly.entity_id
_entity_poly.type
_entity_poly.pdbx_seq_one_letter_code
_entity_poly.pdbx_strand_id
1 'polypeptide(L)'
;MGSSHHHHHHSSGLVPRGSHMKKNRAFLKWAGGKYPLLDDIKRHLPKGECLVEPFVGAGSVFLNTDFSRYILADINSDLI
SLYNIVKMRTDEYVQAARELFVPETNCAEVYYQFREEFNKSQDPFRRAVLFLYLNRYGYNGLCRYNLRGEFNVPFGRYKK
PYFPEAELYHFAEKAQNAFFYCESYADSMARADDSSVVYCDPPYAPLSATANFTAYHTNSFTLEQQAHLAEIAEGLVERH
IPVLISNHDTMLTREWYQRAKLHVVKVRRSISSNGGTRKKVDELLALYKPGVVSPAKK
;
A
2 'polydeoxyribonucleotide' (DT)(DC)(DT)(DA)(DA)(DA)(DG)(DA)(DT)(DC)(DG) F
3 'polydeoxyribonucleotide' (DA)(DC)(DG)(DA)(DT)(DC)(DT)(DT)(DT)(DA)(DG) G
#
loop_
_chem_comp.id
_chem_comp.type
_chem_comp.name
_chem_comp.formula
DA DNA linking 2'-DEOXYADENOSINE-5'-MONOPHOSPHATE 'C10 H14 N5 O6 P'
DC DNA linking 2'-DEOXYCYTIDINE-5'-MONOPHOSPHATE 'C9 H14 N3 O7 P'
DG DNA linking 2'-DEOXYGUANOSINE-5'-MONOPHOSPHATE 'C10 H14 N5 O7 P'
DT DNA linking THYMIDINE-5'-MONOPHOSPHATE 'C10 H15 N2 O8 P'
GOL non-polymer GLYCEROL 'C3 H8 O3'
#
# COMPACT_ATOMS: atom_id res chain seq x y z
N LYS A 23 12.64 10.89 -6.04
CA LYS A 23 11.88 9.90 -5.29
C LYS A 23 10.74 10.54 -4.51
N ASN A 24 9.52 10.31 -4.95
CA ASN A 24 8.33 10.84 -4.28
C ASN A 24 7.95 9.98 -3.08
N ARG A 25 7.58 10.64 -1.98
CA ARG A 25 7.20 9.94 -0.76
C ARG A 25 5.68 9.80 -0.64
N ALA A 26 5.24 8.72 -0.01
CA ALA A 26 3.83 8.54 0.29
C ALA A 26 3.46 9.45 1.45
N PHE A 27 2.18 9.78 1.58
CA PHE A 27 1.74 10.64 2.67
C PHE A 27 1.40 9.81 3.91
N LEU A 28 1.44 8.49 3.77
CA LEU A 28 1.16 7.58 4.86
C LEU A 28 2.39 6.79 5.31
N LYS A 29 2.54 6.63 6.62
CA LYS A 29 3.44 5.63 7.15
C LYS A 29 2.80 4.27 6.93
N TRP A 30 3.56 3.31 6.41
CA TRP A 30 2.97 2.01 6.12
C TRP A 30 4.02 0.90 6.22
N ALA A 31 3.66 -0.17 6.92
CA ALA A 31 4.57 -1.29 7.14
C ALA A 31 4.80 -2.06 5.84
N GLY A 32 6.07 -2.36 5.56
CA GLY A 32 6.41 -3.07 4.34
C GLY A 32 6.49 -2.13 3.15
N GLY A 33 6.74 -0.84 3.42
CA GLY A 33 6.91 0.13 2.37
C GLY A 33 8.13 -0.20 1.53
N LYS A 34 8.08 0.16 0.25
CA LYS A 34 9.14 -0.22 -0.68
C LYS A 34 9.96 0.98 -1.14
N TYR A 35 9.85 2.10 -0.44
CA TYR A 35 10.62 3.30 -0.75
C TYR A 35 12.14 3.04 -0.84
N PRO A 36 12.71 2.26 0.10
CA PRO A 36 14.16 2.05 -0.04
C PRO A 36 14.59 1.14 -1.19
N LEU A 37 13.64 0.41 -1.78
CA LEU A 37 14.00 -0.58 -2.80
C LEU A 37 13.47 -0.21 -4.20
N LEU A 38 13.03 1.02 -4.36
CA LEU A 38 12.36 1.45 -5.58
C LEU A 38 13.21 1.33 -6.83
N ASP A 39 14.50 1.64 -6.72
CA ASP A 39 15.39 1.58 -7.88
C ASP A 39 15.56 0.14 -8.38
N ASP A 40 15.58 -0.82 -7.46
CA ASP A 40 15.70 -2.22 -7.83
C ASP A 40 14.42 -2.71 -8.50
N ILE A 41 13.28 -2.27 -7.99
CA ILE A 41 11.98 -2.65 -8.54
C ILE A 41 11.80 -2.10 -9.95
N LYS A 42 12.09 -0.81 -10.11
CA LYS A 42 11.91 -0.14 -11.39
C LYS A 42 12.87 -0.68 -12.46
N ARG A 43 13.98 -1.26 -12.01
CA ARG A 43 14.97 -1.81 -12.93
C ARG A 43 14.47 -3.11 -13.57
N HIS A 44 13.53 -3.79 -12.90
CA HIS A 44 13.06 -5.08 -13.36
C HIS A 44 11.58 -5.07 -13.69
N LEU A 45 10.91 -3.97 -13.36
CA LEU A 45 9.49 -3.82 -13.67
C LEU A 45 9.31 -3.56 -15.16
N PRO A 46 8.60 -4.46 -15.86
CA PRO A 46 8.36 -4.33 -17.30
C PRO A 46 7.55 -3.10 -17.65
N LYS A 47 7.59 -2.68 -18.91
CA LYS A 47 6.83 -1.53 -19.37
C LYS A 47 5.46 -1.96 -19.89
N GLY A 48 4.51 -1.02 -19.87
CA GLY A 48 3.16 -1.31 -20.32
C GLY A 48 2.24 -0.10 -20.13
N GLU A 49 1.03 -0.21 -20.66
CA GLU A 49 0.06 0.88 -20.54
C GLU A 49 -0.42 1.04 -19.10
N CYS A 50 -0.74 -0.08 -18.46
CA CYS A 50 -1.35 -0.05 -17.14
C CYS A 50 -0.57 -0.87 -16.11
N LEU A 51 -0.40 -0.30 -14.92
CA LEU A 51 0.22 -1.02 -13.80
C LEU A 51 -0.84 -1.46 -12.80
N VAL A 52 -0.82 -2.75 -12.45
CA VAL A 52 -1.76 -3.29 -11.49
C VAL A 52 -1.04 -3.65 -10.18
N GLU A 53 -1.48 -3.04 -9.09
CA GLU A 53 -0.94 -3.34 -7.77
C GLU A 53 -2.01 -3.92 -6.85
N PRO A 54 -1.99 -5.25 -6.66
CA PRO A 54 -2.93 -5.94 -5.77
C PRO A 54 -2.72 -5.62 -4.30
N PHE A 55 -1.52 -5.16 -3.95
CA PHE A 55 -1.20 -4.81 -2.57
C PHE A 55 -0.62 -3.40 -2.50
N VAL A 56 -1.42 -2.40 -2.90
CA VAL A 56 -0.89 -1.06 -3.14
C VAL A 56 -0.30 -0.40 -1.88
N GLY A 57 -0.90 -0.65 -0.72
CA GLY A 57 -0.42 -0.06 0.52
C GLY A 57 -0.34 1.46 0.45
N ALA A 58 0.81 2.00 0.80
CA ALA A 58 1.03 3.44 0.75
C ALA A 58 1.21 3.94 -0.68
N GLY A 59 1.44 3.01 -1.60
CA GLY A 59 1.53 3.32 -3.01
C GLY A 59 2.85 3.90 -3.46
N SER A 60 3.94 3.46 -2.83
CA SER A 60 5.27 4.01 -3.13
C SER A 60 5.72 3.72 -4.56
N VAL A 61 5.30 2.58 -5.10
CA VAL A 61 5.65 2.22 -6.47
C VAL A 61 4.81 3.05 -7.45
N PHE A 62 3.51 3.11 -7.18
CA PHE A 62 2.58 3.94 -7.95
C PHE A 62 3.07 5.38 -8.04
N LEU A 63 3.59 5.91 -6.92
CA LEU A 63 4.04 7.29 -6.87
C LEU A 63 5.37 7.52 -7.58
N ASN A 64 6.11 6.44 -7.84
CA ASN A 64 7.45 6.59 -8.41
C ASN A 64 7.63 5.85 -9.74
N THR A 65 6.53 5.60 -10.43
CA THR A 65 6.57 5.06 -11.79
C THR A 65 5.84 6.00 -12.73
N ASP A 66 5.81 5.65 -14.01
CA ASP A 66 5.21 6.53 -15.01
C ASP A 66 4.33 5.78 -16.01
N PHE A 67 3.37 5.01 -15.49
CA PHE A 67 2.41 4.32 -16.35
C PHE A 67 1.27 5.27 -16.71
N SER A 68 0.64 5.03 -17.87
CA SER A 68 -0.44 5.89 -18.34
C SER A 68 -1.73 5.61 -17.57
N ARG A 69 -1.78 4.47 -16.91
CA ARG A 69 -2.97 4.06 -16.17
C ARG A 69 -2.60 3.13 -15.02
N TYR A 70 -3.38 3.18 -13.94
CA TYR A 70 -3.13 2.33 -12.79
C TYR A 70 -4.40 1.65 -12.28
N ILE A 71 -4.25 0.41 -11.85
CA ILE A 71 -5.30 -0.28 -11.11
C ILE A 71 -4.73 -0.64 -9.75
N LEU A 72 -5.19 0.06 -8.72
CA LEU A 72 -4.62 -0.08 -7.39
C LEU A 72 -5.62 -0.69 -6.41
N ALA A 73 -5.22 -1.76 -5.75
CA ALA A 73 -6.13 -2.48 -4.86
C ALA A 73 -5.48 -2.85 -3.52
N ASP A 74 -6.32 -3.03 -2.51
CA ASP A 74 -5.89 -3.43 -1.18
C ASP A 74 -7.08 -3.96 -0.41
N ILE A 75 -6.84 -4.89 0.51
CA ILE A 75 -7.92 -5.46 1.30
C ILE A 75 -8.40 -4.46 2.36
N ASN A 76 -7.57 -3.47 2.66
CA ASN A 76 -7.89 -2.46 3.66
C ASN A 76 -8.90 -1.45 3.12
N SER A 77 -10.12 -1.51 3.62
CA SER A 77 -11.19 -0.66 3.12
C SER A 77 -11.04 0.81 3.54
N ASP A 78 -10.47 1.04 4.72
CA ASP A 78 -10.22 2.39 5.18
C ASP A 78 -9.18 3.07 4.28
N LEU A 79 -8.19 2.30 3.86
CA LEU A 79 -7.14 2.79 2.97
C LEU A 79 -7.70 3.19 1.61
N ILE A 80 -8.51 2.31 1.03
CA ILE A 80 -9.08 2.56 -0.30
C ILE A 80 -10.07 3.73 -0.26
N SER A 81 -10.86 3.80 0.81
CA SER A 81 -11.82 4.90 0.97
C SER A 81 -11.07 6.23 1.08
N LEU A 82 -9.98 6.23 1.83
CA LEU A 82 -9.14 7.41 1.99
C LEU A 82 -8.60 7.90 0.65
N TYR A 83 -8.13 6.97 -0.18
CA TYR A 83 -7.55 7.32 -1.47
C TYR A 83 -8.59 7.95 -2.41
N ASN A 84 -9.82 7.44 -2.34
CA ASN A 84 -10.91 7.98 -3.14
C ASN A 84 -11.29 9.39 -2.69
N ILE A 85 -11.28 9.63 -1.38
CA ILE A 85 -11.60 10.95 -0.84
C ILE A 85 -10.53 11.97 -1.22
N VAL A 86 -9.27 11.58 -1.09
CA VAL A 86 -8.14 12.45 -1.43
C VAL A 86 -8.18 12.79 -2.93
N LYS A 87 -8.53 11.81 -3.75
CA LYS A 87 -8.59 12.01 -5.20
C LYS A 87 -9.69 12.98 -5.63
N MET A 88 -10.89 12.75 -5.11
CA MET A 88 -12.08 13.48 -5.60
C MET A 88 -12.38 14.75 -4.82
N ARG A 89 -11.90 14.83 -3.58
CA ARG A 89 -12.16 15.98 -2.73
C ARG A 89 -10.87 16.50 -2.11
N THR A 90 -9.90 16.78 -2.98
CA THR A 90 -8.53 17.10 -2.55
C THR A 90 -8.43 18.34 -1.67
N ASP A 91 -8.83 19.48 -2.20
CA ASP A 91 -8.71 20.75 -1.47
C ASP A 91 -9.50 20.71 -0.17
N GLU A 92 -10.71 20.16 -0.22
CA GLU A 92 -11.54 20.03 0.96
C GLU A 92 -10.88 19.16 2.03
N TYR A 93 -10.27 18.06 1.60
CA TYR A 93 -9.64 17.13 2.53
C TYR A 93 -8.41 17.73 3.21
N VAL A 94 -7.54 18.35 2.40
CA VAL A 94 -6.31 18.92 2.92
C VAL A 94 -6.59 19.99 3.97
N GLN A 95 -7.58 20.84 3.70
CA GLN A 95 -7.96 21.90 4.63
C GLN A 95 -8.45 21.33 5.96
N ALA A 96 -9.22 20.25 5.90
CA ALA A 96 -9.79 19.64 7.11
C ALA A 96 -8.75 18.86 7.88
N ALA A 97 -7.93 18.09 7.16
CA ALA A 97 -6.91 17.26 7.79
C ALA A 97 -5.81 18.10 8.45
N ARG A 98 -5.54 19.26 7.88
CA ARG A 98 -4.48 20.14 8.37
C ARG A 98 -4.78 20.66 9.78
N GLU A 99 -6.06 20.75 10.10
CA GLU A 99 -6.50 21.28 11.38
C GLU A 99 -6.21 20.32 12.54
N LEU A 100 -5.93 19.06 12.21
CA LEU A 100 -5.64 18.06 13.23
C LEU A 100 -4.15 17.96 13.50
N PHE A 101 -3.34 18.63 12.69
CA PHE A 101 -1.88 18.61 12.81
C PHE A 101 -1.35 19.85 13.53
N VAL A 102 -2.01 20.20 14.63
CA VAL A 102 -1.62 21.34 15.45
C VAL A 102 -1.00 20.81 16.75
N PRO A 103 -0.27 21.67 17.48
CA PRO A 103 0.34 21.21 18.74
C PRO A 103 -0.69 20.72 19.77
N GLU A 104 -1.92 21.22 19.71
CA GLU A 104 -2.95 20.86 20.66
C GLU A 104 -3.32 19.37 20.60
N THR A 105 -3.17 18.77 19.41
CA THR A 105 -3.61 17.40 19.21
C THR A 105 -2.53 16.36 19.54
N ASN A 106 -1.31 16.82 19.77
CA ASN A 106 -0.23 15.90 20.12
C ASN A 106 -0.28 15.55 21.60
N CYS A 107 -1.39 14.95 22.00
CA CYS A 107 -1.64 14.60 23.39
C CYS A 107 -2.37 13.26 23.48
N ALA A 108 -2.09 12.49 24.52
CA ALA A 108 -2.65 11.15 24.64
C ALA A 108 -4.18 11.17 24.74
N GLU A 109 -4.70 12.04 25.59
CA GLU A 109 -6.13 12.12 25.82
C GLU A 109 -6.88 12.53 24.56
N VAL A 110 -6.31 13.46 23.80
CA VAL A 110 -6.92 13.91 22.55
C VAL A 110 -6.86 12.81 21.48
N TYR A 111 -5.72 12.10 21.43
CA TYR A 111 -5.54 11.03 20.47
C TYR A 111 -6.60 9.93 20.61
N TYR A 112 -6.82 9.47 21.84
CA TYR A 112 -7.73 8.36 22.06
C TYR A 112 -9.20 8.73 21.80
N GLN A 113 -9.52 10.02 21.92
CA GLN A 113 -10.87 10.47 21.60
C GLN A 113 -11.06 10.54 20.08
N PHE A 114 -10.03 11.01 19.39
CA PHE A 114 -10.06 11.03 17.92
C PHE A 114 -10.12 9.61 17.36
N ARG A 115 -9.47 8.68 18.05
CA ARG A 115 -9.51 7.27 17.67
C ARG A 115 -10.91 6.71 17.89
N GLU A 116 -11.54 7.13 18.98
CA GLU A 116 -12.90 6.71 19.27
C GLU A 116 -13.89 7.33 18.29
N GLU A 117 -13.66 8.59 17.92
CA GLU A 117 -14.52 9.26 16.95
C GLU A 117 -14.43 8.58 15.59
N PHE A 118 -13.22 8.16 15.23
CA PHE A 118 -13.00 7.44 13.97
C PHE A 118 -13.79 6.14 13.95
N ASN A 119 -13.69 5.38 15.04
CA ASN A 119 -14.35 4.08 15.11
C ASN A 119 -15.87 4.19 15.17
N LYS A 120 -16.37 5.34 15.60
CA LYS A 120 -17.81 5.52 15.74
C LYS A 120 -18.42 6.31 14.58
N SER A 121 -17.56 6.87 13.74
CA SER A 121 -18.04 7.65 12.60
C SER A 121 -18.55 6.76 11.48
N GLN A 122 -19.61 7.20 10.81
CA GLN A 122 -20.12 6.51 9.64
C GLN A 122 -19.97 7.39 8.41
N ASP A 123 -19.22 8.48 8.57
CA ASP A 123 -18.95 9.40 7.49
C ASP A 123 -17.57 9.13 6.89
N PRO A 124 -17.55 8.72 5.61
CA PRO A 124 -16.30 8.40 4.89
C PRO A 124 -15.30 9.55 4.89
N PHE A 125 -15.77 10.79 4.77
CA PHE A 125 -14.87 11.93 4.74
C PHE A 125 -14.20 12.15 6.10
N ARG A 126 -15.00 12.18 7.16
CA ARG A 126 -14.48 12.40 8.50
C ARG A 126 -13.51 11.28 8.90
N ARG A 127 -13.86 10.05 8.55
CA ARG A 127 -13.00 8.90 8.85
C ARG A 127 -11.66 9.01 8.13
N ALA A 128 -11.70 9.50 6.88
CA ALA A 128 -10.50 9.67 6.08
C ALA A 128 -9.59 10.73 6.68
N VAL A 129 -10.20 11.82 7.16
CA VAL A 129 -9.46 12.89 7.82
C VAL A 129 -8.80 12.37 9.09
N LEU A 130 -9.57 11.64 9.90
CA LEU A 130 -9.07 11.10 11.16
C LEU A 130 -8.04 9.99 10.95
N PHE A 131 -8.19 9.26 9.84
CA PHE A 131 -7.28 8.17 9.53
C PHE A 131 -5.85 8.66 9.35
N LEU A 132 -5.70 9.83 8.72
CA LEU A 132 -4.38 10.42 8.51
C LEU A 132 -3.76 10.84 9.84
N TYR A 133 -4.58 11.45 10.70
CA TYR A 133 -4.13 11.85 12.02
C TYR A 133 -3.61 10.63 12.80
N LEU A 134 -4.41 9.57 12.83
CA LEU A 134 -4.05 8.35 13.55
C LEU A 134 -2.79 7.71 13.02
N ASN A 135 -2.59 7.82 11.70
CA ASN A 135 -1.42 7.23 11.05
C ASN A 135 -0.11 7.92 11.44
N ARG A 136 -0.18 9.23 11.68
CA ARG A 136 1.04 10.00 11.93
C ARG A 136 1.20 10.39 13.40
N TYR A 137 0.19 10.09 14.22
CA TYR A 137 0.27 10.35 15.65
C TYR A 137 0.27 9.04 16.44
N GLY A 138 -0.10 7.95 15.76
CA GLY A 138 -0.20 6.65 16.41
C GLY A 138 1.14 5.96 16.59
N TYR A 139 1.14 4.93 17.44
CA TYR A 139 2.36 4.21 17.78
C TYR A 139 3.01 3.54 16.56
N ASN A 140 4.24 3.96 16.26
CA ASN A 140 5.04 3.39 15.18
C ASN A 140 4.36 3.41 13.81
N GLY A 141 3.37 4.29 13.65
CA GLY A 141 2.64 4.40 12.40
C GLY A 141 1.92 3.12 12.02
N LEU A 142 1.56 2.33 13.03
CA LEU A 142 0.90 1.06 12.80
C LEU A 142 -0.54 1.20 12.35
N CYS A 143 -1.03 0.18 11.65
CA CYS A 143 -2.45 0.06 11.35
C CYS A 143 -2.93 -1.29 11.86
N ARG A 144 -3.65 -1.27 12.98
CA ARG A 144 -4.09 -2.50 13.63
C ARG A 144 -5.57 -2.40 14.01
N TYR A 145 -6.31 -3.47 13.75
CA TYR A 145 -7.73 -3.52 14.10
C TYR A 145 -8.02 -4.71 15.01
N ASN A 146 -9.14 -4.66 15.70
CA ASN A 146 -9.66 -5.83 16.38
C ASN A 146 -10.66 -6.53 15.46
N LEU A 147 -11.30 -7.59 15.94
CA LEU A 147 -12.21 -8.37 15.11
C LEU A 147 -13.52 -7.63 14.83
N ARG A 148 -13.79 -6.60 15.61
CA ARG A 148 -14.98 -5.79 15.42
C ARG A 148 -14.72 -4.68 14.41
N GLY A 149 -13.51 -4.65 13.86
CA GLY A 149 -13.14 -3.70 12.84
C GLY A 149 -12.74 -2.35 13.40
N GLU A 150 -12.35 -2.32 14.67
CA GLU A 150 -12.00 -1.06 15.32
C GLU A 150 -10.49 -0.84 15.42
N PHE A 151 -10.05 0.33 14.97
CA PHE A 151 -8.65 0.74 15.05
C PHE A 151 -8.24 0.86 16.51
N ASN A 152 -7.21 0.13 16.91
CA ASN A 152 -6.80 0.13 18.33
C ASN A 152 -5.30 0.30 18.55
N VAL A 153 -4.66 1.12 17.72
CA VAL A 153 -3.26 1.46 17.90
C VAL A 153 -3.14 2.57 18.94
N PRO A 154 -2.26 2.38 19.95
CA PRO A 154 -2.09 3.37 21.02
C PRO A 154 -1.37 4.64 20.57
N PHE A 155 -1.30 5.62 21.47
CA PHE A 155 -0.67 6.90 21.17
C PHE A 155 0.83 6.73 20.87
N GLY A 156 1.34 7.53 19.94
CA GLY A 156 2.70 7.36 19.47
C GLY A 156 3.76 8.18 20.18
N ARG A 157 3.33 9.29 20.79
CA ARG A 157 4.23 10.18 21.53
C ARG A 157 5.40 10.69 20.69
N TYR A 158 5.10 11.23 19.51
CA TYR A 158 6.12 11.83 18.66
C TYR A 158 6.34 13.29 19.05
N LYS A 159 7.52 13.81 18.75
CA LYS A 159 7.86 15.19 19.06
C LYS A 159 7.00 16.17 18.26
N LYS A 160 7.05 16.06 16.94
CA LYS A 160 6.24 16.89 16.06
C LYS A 160 5.91 16.18 14.75
N PRO A 161 4.72 15.57 14.67
CA PRO A 161 4.25 14.89 13.46
C PRO A 161 4.18 15.82 12.26
N TYR A 162 4.64 15.33 11.11
CA TYR A 162 4.66 16.12 9.89
C TYR A 162 3.37 15.95 9.09
N PHE A 163 2.76 17.07 8.70
CA PHE A 163 1.58 17.05 7.87
C PHE A 163 1.98 17.03 6.40
N PRO A 164 1.78 15.87 5.74
CA PRO A 164 2.26 15.65 4.37
C PRO A 164 1.38 16.33 3.31
N GLU A 165 1.35 17.66 3.31
CA GLU A 165 0.52 18.41 2.38
C GLU A 165 1.00 18.26 0.94
N ALA A 166 2.31 18.38 0.74
CA ALA A 166 2.89 18.25 -0.59
C ALA A 166 2.64 16.86 -1.17
N GLU A 167 2.81 15.85 -0.34
CA GLU A 167 2.60 14.46 -0.75
C GLU A 167 1.14 14.18 -1.05
N LEU A 168 0.24 14.82 -0.28
CA LEU A 168 -1.18 14.67 -0.49
C LEU A 168 -1.61 15.19 -1.86
N TYR A 169 -1.14 16.38 -2.21
CA TYR A 169 -1.50 17.00 -3.49
C TYR A 169 -0.92 16.22 -4.66
N HIS A 170 0.31 15.74 -4.50
CA HIS A 170 0.95 14.97 -5.55
C HIS A 170 0.27 13.62 -5.74
N PHE A 171 -0.19 13.01 -4.64
CA PHE A 171 -0.92 11.76 -4.72
C PHE A 171 -2.21 11.97 -5.48
N ALA A 172 -2.91 13.07 -5.16
CA ALA A 172 -4.17 13.41 -5.79
C ALA A 172 -4.00 13.60 -7.29
N GLU A 173 -2.91 14.27 -7.66
CA GLU A 173 -2.61 14.52 -9.06
C GLU A 173 -2.39 13.23 -9.84
N LYS A 174 -1.55 12.35 -9.29
CA LYS A 174 -1.26 11.07 -9.93
C LYS A 174 -2.49 10.16 -9.95
N ALA A 175 -3.35 10.31 -8.94
CA ALA A 175 -4.51 9.44 -8.79
C ALA A 175 -5.55 9.66 -9.89
N GLN A 176 -5.43 10.77 -10.62
CA GLN A 176 -6.36 11.07 -11.70
C GLN A 176 -6.32 10.01 -12.79
N ASN A 177 -5.20 9.29 -12.87
CA ASN A 177 -5.05 8.20 -13.83
C ASN A 177 -5.13 6.84 -13.15
N ALA A 178 -5.76 6.78 -11.99
CA ALA A 178 -5.83 5.53 -11.24
C ALA A 178 -7.26 5.21 -10.77
N PHE A 179 -7.58 3.92 -10.78
CA PHE A 179 -8.80 3.42 -10.17
C PHE A 179 -8.44 2.64 -8.90
N PHE A 180 -9.25 2.82 -7.86
CA PHE A 180 -8.98 2.16 -6.58
C PHE A 180 -10.06 1.12 -6.26
N TYR A 181 -9.63 -0.05 -5.81
CA TYR A 181 -10.57 -1.12 -5.49
C TYR A 181 -10.24 -1.78 -4.15
N CYS A 182 -11.26 -1.96 -3.32
CA CYS A 182 -11.06 -2.72 -2.08
C CYS A 182 -11.44 -4.18 -2.32
N GLU A 183 -10.43 -5.00 -2.58
CA GLU A 183 -10.64 -6.40 -2.90
C GLU A 183 -9.37 -7.19 -2.68
N SER A 184 -9.51 -8.51 -2.60
CA SER A 184 -8.35 -9.38 -2.39
C SER A 184 -7.56 -9.53 -3.69
N TYR A 185 -6.33 -10.03 -3.58
CA TYR A 185 -5.40 -10.08 -4.70
C TYR A 185 -5.92 -10.87 -5.90
N ALA A 186 -6.67 -11.94 -5.66
CA ALA A 186 -7.18 -12.78 -6.72
C ALA A 186 -8.12 -12.02 -7.66
N ASP A 187 -8.93 -11.15 -7.08
CA ASP A 187 -9.91 -10.39 -7.86
C ASP A 187 -9.25 -9.25 -8.63
N SER A 188 -8.27 -8.60 -8.02
CA SER A 188 -7.61 -7.46 -8.65
C SER A 188 -6.70 -7.89 -9.79
N MET A 189 -6.07 -9.05 -9.64
CA MET A 189 -5.19 -9.57 -10.68
C MET A 189 -5.99 -10.10 -11.86
N ALA A 190 -7.27 -10.34 -11.63
CA ALA A 190 -8.18 -10.75 -12.69
C ALA A 190 -8.55 -9.57 -13.59
N ARG A 191 -8.25 -8.36 -13.12
CA ARG A 191 -8.55 -7.15 -13.87
C ARG A 191 -7.49 -6.87 -14.93
N ALA A 192 -6.34 -7.52 -14.80
CA ALA A 192 -5.22 -7.29 -15.70
C ALA A 192 -5.51 -7.80 -17.11
N ASP A 193 -5.32 -7.03 -18.17
CA ASP A 193 -5.47 -7.38 -19.58
C ASP A 193 -4.11 -7.40 -20.29
N ASP A 194 -4.08 -7.56 -21.50
CA ASP A 194 -2.85 -7.80 -22.26
C ASP A 194 -1.86 -6.66 -22.10
N SER A 195 -2.38 -5.44 -22.01
CA SER A 195 -1.53 -4.25 -21.94
C SER A 195 -1.19 -3.88 -20.49
N SER A 196 -1.29 -4.86 -19.59
CA SER A 196 -1.07 -4.61 -18.18
C SER A 196 0.24 -5.19 -17.67
N VAL A 197 0.80 -4.55 -16.65
CA VAL A 197 1.93 -5.09 -15.91
C VAL A 197 1.51 -5.18 -14.45
N VAL A 198 1.77 -6.33 -13.82
CA VAL A 198 1.34 -6.54 -12.45
C VAL A 198 2.51 -6.60 -11.48
N TYR A 199 2.50 -5.70 -10.49
CA TYR A 199 3.50 -5.75 -9.42
C TYR A 199 2.86 -6.14 -8.10
N CYS A 200 3.38 -7.21 -7.50
CA CYS A 200 2.83 -7.70 -6.23
C CYS A 200 3.80 -7.48 -5.08
N ASP A 201 3.31 -6.83 -4.03
CA ASP A 201 4.09 -6.67 -2.81
C ASP A 201 3.30 -7.22 -1.62
N PRO A 202 3.18 -8.55 -1.54
CA PRO A 202 2.38 -9.18 -0.48
C PRO A 202 3.01 -8.99 0.89
N PRO A 203 2.25 -9.21 1.96
CA PRO A 203 2.84 -9.25 3.30
C PRO A 203 4.03 -10.21 3.36
N TYR A 204 5.08 -9.81 4.06
CA TYR A 204 6.33 -10.58 4.11
C TYR A 204 6.11 -12.04 4.50
N ALA A 205 6.86 -12.93 3.86
CA ALA A 205 6.87 -14.32 4.23
C ALA A 205 7.54 -14.48 5.58
N PRO A 206 7.03 -15.39 6.43
CA PRO A 206 7.61 -15.60 7.76
C PRO A 206 9.03 -16.14 7.71
N LEU A 207 9.86 -15.73 8.66
CA LEU A 207 11.25 -16.16 8.69
C LEU A 207 11.45 -17.36 9.61
N SER A 208 10.49 -17.59 10.50
CA SER A 208 10.57 -18.69 11.45
C SER A 208 9.25 -19.45 11.52
N SER A 220 -4.66 -12.11 8.46
CA SER A 220 -3.28 -12.53 8.28
C SER A 220 -3.09 -13.22 6.93
N PHE A 221 -1.93 -12.99 6.32
CA PHE A 221 -1.62 -13.58 5.02
C PHE A 221 -1.00 -14.96 5.21
N THR A 222 -1.76 -16.00 4.88
CA THR A 222 -1.34 -17.37 5.14
C THR A 222 -0.29 -17.86 4.16
N LEU A 223 0.32 -18.99 4.49
CA LEU A 223 1.29 -19.64 3.62
C LEU A 223 0.63 -20.11 2.33
N GLU A 224 -0.63 -20.52 2.44
CA GLU A 224 -1.39 -20.95 1.28
C GLU A 224 -1.67 -19.79 0.35
N GLN A 225 -1.93 -18.61 0.92
CA GLN A 225 -2.17 -17.41 0.13
C GLN A 225 -0.90 -16.97 -0.58
N GLN A 226 0.24 -17.14 0.08
CA GLN A 226 1.53 -16.84 -0.52
C GLN A 226 1.77 -17.70 -1.75
N ALA A 227 1.44 -18.99 -1.63
CA ALA A 227 1.59 -19.94 -2.71
C ALA A 227 0.57 -19.71 -3.81
N HIS A 228 -0.66 -19.38 -3.43
CA HIS A 228 -1.73 -19.13 -4.39
C HIS A 228 -1.43 -17.89 -5.23
N LEU A 229 -0.77 -16.91 -4.62
CA LEU A 229 -0.36 -15.71 -5.33
C LEU A 229 0.58 -16.07 -6.48
N ALA A 230 1.52 -16.98 -6.21
CA ALA A 230 2.46 -17.43 -7.21
C ALA A 230 1.77 -18.19 -8.34
N GLU A 231 0.77 -18.98 -7.99
CA GLU A 231 0.01 -19.76 -8.96
C GLU A 231 -0.77 -18.85 -9.90
N ILE A 232 -1.32 -17.77 -9.35
CA ILE A 232 -2.04 -16.79 -10.16
C ILE A 232 -1.07 -16.07 -11.09
N ALA A 233 0.13 -15.79 -10.59
CA ALA A 233 1.18 -15.16 -11.38
C ALA A 233 1.56 -16.03 -12.57
N GLU A 234 1.68 -17.33 -12.34
CA GLU A 234 2.02 -18.27 -13.39
C GLU A 234 0.94 -18.30 -14.46
N GLY A 235 -0.32 -18.21 -14.04
CA GLY A 235 -1.43 -18.17 -14.97
C GLY A 235 -1.42 -16.90 -15.81
N LEU A 236 -1.05 -15.79 -15.19
CA LEU A 236 -1.01 -14.50 -15.86
C LEU A 236 0.06 -14.45 -16.95
N VAL A 237 1.26 -14.92 -16.62
CA VAL A 237 2.38 -14.85 -17.55
C VAL A 237 2.16 -15.80 -18.73
N GLU A 238 1.35 -16.83 -18.53
CA GLU A 238 1.02 -17.76 -19.60
C GLU A 238 -0.03 -17.15 -20.52
N ARG A 239 -0.63 -16.06 -20.08
CA ARG A 239 -1.52 -15.26 -20.93
C ARG A 239 -0.79 -14.01 -21.40
N HIS A 240 0.54 -14.07 -21.35
CA HIS A 240 1.41 -12.98 -21.78
C HIS A 240 1.18 -11.69 -21.00
N ILE A 241 1.03 -11.83 -19.69
CA ILE A 241 0.92 -10.68 -18.80
C ILE A 241 2.03 -10.74 -17.75
N PRO A 242 2.99 -9.81 -17.84
CA PRO A 242 4.17 -9.79 -16.97
C PRO A 242 3.82 -9.52 -15.51
N VAL A 243 4.43 -10.27 -14.61
CA VAL A 243 4.20 -10.12 -13.18
C VAL A 243 5.52 -10.03 -12.41
N LEU A 244 5.63 -9.00 -11.56
CA LEU A 244 6.80 -8.86 -10.69
C LEU A 244 6.39 -8.93 -9.22
N ILE A 245 7.01 -9.85 -8.48
CA ILE A 245 6.70 -10.04 -7.07
C ILE A 245 7.93 -9.79 -6.20
N SER A 246 7.74 -9.08 -5.09
CA SER A 246 8.82 -8.85 -4.13
C SER A 246 8.50 -9.51 -2.79
N ASN A 247 9.52 -10.05 -2.15
CA ASN A 247 9.38 -10.72 -0.86
C ASN A 247 10.76 -10.95 -0.24
N HIS A 248 10.79 -11.47 0.97
CA HIS A 248 12.06 -11.87 1.59
C HIS A 248 12.69 -12.99 0.76
N ASP A 249 14.01 -13.09 0.79
CA ASP A 249 14.69 -14.19 0.13
C ASP A 249 14.87 -15.34 1.11
N THR A 250 13.98 -16.32 1.04
CA THR A 250 14.04 -17.50 1.90
C THR A 250 13.93 -18.78 1.07
N MET A 251 13.94 -19.92 1.75
CA MET A 251 13.78 -21.20 1.09
C MET A 251 12.36 -21.36 0.57
N LEU A 252 11.39 -20.83 1.33
CA LEU A 252 9.99 -20.94 0.97
C LEU A 252 9.64 -20.08 -0.25
N THR A 253 10.18 -18.87 -0.30
CA THR A 253 9.88 -17.95 -1.39
C THR A 253 10.54 -18.37 -2.70
N ARG A 254 11.72 -18.96 -2.60
CA ARG A 254 12.40 -19.49 -3.79
C ARG A 254 11.61 -20.68 -4.35
N GLU A 255 10.94 -21.40 -3.47
CA GLU A 255 10.10 -22.53 -3.86
C GLU A 255 8.81 -22.03 -4.52
N TRP A 256 8.17 -21.05 -3.89
CA TRP A 256 6.94 -20.46 -4.40
C TRP A 256 7.16 -19.82 -5.77
N TYR A 257 8.31 -19.16 -5.93
CA TYR A 257 8.59 -18.41 -7.14
C TYR A 257 9.59 -19.15 -8.03
N GLN A 258 9.45 -20.47 -8.09
CA GLN A 258 10.39 -21.32 -8.83
C GLN A 258 10.37 -21.05 -10.33
N ARG A 259 9.20 -20.69 -10.85
CA ARG A 259 9.03 -20.51 -12.30
C ARG A 259 9.32 -19.09 -12.76
N ALA A 260 10.02 -18.32 -11.92
CA ALA A 260 10.34 -16.94 -12.27
C ALA A 260 11.85 -16.70 -12.20
N LYS A 261 12.33 -15.74 -12.99
CA LYS A 261 13.72 -15.31 -12.91
C LYS A 261 13.94 -14.58 -11.60
N LEU A 262 14.75 -15.17 -10.72
CA LEU A 262 14.94 -14.64 -9.38
C LEU A 262 16.14 -13.69 -9.28
N HIS A 263 15.90 -12.49 -8.77
CA HIS A 263 16.96 -11.52 -8.55
C HIS A 263 17.10 -11.25 -7.05
N VAL A 264 18.32 -11.40 -6.54
CA VAL A 264 18.57 -11.15 -5.12
C VAL A 264 19.00 -9.71 -4.88
N VAL A 265 18.29 -9.04 -3.98
CA VAL A 265 18.64 -7.67 -3.60
C VAL A 265 19.26 -7.65 -2.21
N LYS A 266 20.56 -7.39 -2.15
CA LYS A 266 21.29 -7.35 -0.88
C LYS A 266 20.83 -6.16 -0.03
N VAL A 267 20.43 -6.45 1.21
CA VAL A 267 19.98 -5.41 2.13
C VAL A 267 20.59 -5.61 3.51
N LYS A 280 20.09 -11.68 9.29
CA LYS A 280 20.46 -11.07 8.01
C LYS A 280 19.73 -11.75 6.85
N VAL A 281 18.72 -11.08 6.32
CA VAL A 281 17.97 -11.62 5.19
C VAL A 281 17.95 -10.64 4.01
N ASP A 282 18.04 -11.19 2.80
CA ASP A 282 18.02 -10.37 1.59
C ASP A 282 16.59 -10.23 1.07
N GLU A 283 16.40 -9.33 0.11
CA GLU A 283 15.11 -9.16 -0.52
C GLU A 283 15.12 -9.84 -1.89
N LEU A 284 14.00 -10.48 -2.23
CA LEU A 284 13.91 -11.23 -3.47
C LEU A 284 12.95 -10.59 -4.47
N LEU A 285 13.35 -10.56 -5.73
CA LEU A 285 12.48 -10.09 -6.80
C LEU A 285 12.22 -11.21 -7.80
N ALA A 286 10.95 -11.57 -7.97
CA ALA A 286 10.58 -12.63 -8.91
C ALA A 286 9.86 -12.06 -10.12
N LEU A 287 10.50 -12.14 -11.28
CA LEU A 287 9.91 -11.62 -12.50
C LEU A 287 9.38 -12.74 -13.40
N TYR A 288 8.07 -12.72 -13.64
CA TYR A 288 7.45 -13.63 -14.59
C TYR A 288 7.32 -12.96 -15.94
N LYS A 289 8.31 -13.19 -16.81
CA LYS A 289 8.33 -12.59 -18.14
C LYS A 289 7.79 -13.53 -19.20
N PRO A 290 6.80 -13.08 -19.99
CA PRO A 290 6.19 -13.88 -21.05
C PRO A 290 7.15 -14.16 -22.20
N SAH D . 3.94 -2.10 -1.37
CA SAH D . 3.10 -1.22 -0.56
CB SAH D . 2.67 -1.84 0.77
CG SAH D . 2.68 -3.37 0.85
SD SAH D . 2.16 -3.91 2.50
C SAH D . 3.73 0.15 -0.34
O SAH D . 4.73 0.52 -0.98
OXT SAH D . 3.25 0.93 0.47
C5' SAH D . 1.04 -5.17 1.86
C4' SAH D . -0.41 -4.70 1.73
O4' SAH D . -1.21 -5.75 1.24
C3' SAH D . -1.02 -4.26 3.05
O3' SAH D . -1.34 -2.89 2.98
C2' SAH D . -2.29 -5.08 3.21
O2' SAH D . -3.37 -4.24 3.55
C1' SAH D . -2.49 -5.69 1.84
N9 SAH D . -3.10 -7.03 1.89
C8 SAH D . -3.00 -7.95 2.90
N7 SAH D . -3.70 -9.06 2.54
C5 SAH D . -4.25 -8.85 1.33
C6 SAH D . -5.05 -9.64 0.50
N6 SAH D . -5.42 -10.86 0.88
N1 SAH D . -5.46 -9.14 -0.72
C2 SAH D . -5.08 -7.87 -1.11
N3 SAH D . -4.29 -7.10 -0.29
C4 SAH D . -3.87 -7.58 0.90
C1 GOL E . -10.94 1.40 22.14
O1 GOL E . -10.12 0.75 23.08
C2 GOL E . -10.55 0.95 20.73
O2 GOL E . -9.78 1.95 20.12
C3 GOL E . -11.82 0.73 19.91
O3 GOL E . -12.59 -0.28 20.50
#